data_6UOE
#
_entry.id   6UOE
#
_cell.length_a   118.663
_cell.length_b   67.587
_cell.length_c   84.031
_cell.angle_alpha   90.000
_cell.angle_beta   133.120
_cell.angle_gamma   90.000
#
_symmetry.space_group_name_H-M   'C 1 2 1'
#
loop_
_entity.id
_entity.type
_entity.pdbx_description
1 polymer '3-25 Fab heavy chain'
2 polymer '3-25 Fab light chain'
3 polymer 'Envelope glycoprotein B'
4 non-polymer 2-AMINO-2-HYDROXYMETHYL-PROPANE-1,3-DIOL
5 non-polymer DI(HYDROXYETHYL)ETHER
6 water water
#
loop_
_entity_poly.entity_id
_entity_poly.type
_entity_poly.pdbx_seq_one_letter_code
_entity_poly.pdbx_strand_id
1 'polypeptide(L)'
;(PCA)VQLVESGGGVVQPGRSLRLSCAASGFTFSNHGLHWVRQAPGKGLEWVAVVSKDGTNEHYADSVRGRFTISRDNSK
NTLYLQMNSLRAEDTAVYYCAREGYCGDDRCYSGQPDYWGQGTLVTVSSASTKGPSVFPLAPSSKSTSGGTAALGCLVKD
YFPEPVTVSWNSGALTSGVHTFPAVLQSSGLYSLSSVVTVPSSSLGTQTYICNVNHKPSNTKVDKKVEPKSCD
;
H
2 'polypeptide(L)'
;EIVLTQSPATLSLSPGERATLSCRASQSVGRYLAWYQQKPGQAPRLLIYDSSNRATGVPARFSGSGSGTDFTLTISSLEP
EDFAVYYCQQRSHWPPLTFGGGTKVEIKRTVAAPSVFIFPPSDEQLKSGTASVVCLLNNFYPREAKVQWKVDNALQSGNS
QESVTEQDSKDSTYSLSSTLTLSKADYEKHKVYACEVTHQGLSSPVTKSFNRGEC
;
L
3 'polypeptide(L)' HRANETIYNTTLKYG P
#
loop_
_chem_comp.id
_chem_comp.type
_chem_comp.name
_chem_comp.formula
PEG non-polymer DI(HYDROXYETHYL)ETHER 'C4 H10 O3'
TRS non-polymer 2-AMINO-2-HYDROXYMETHYL-PROPANE-1,3-DIOL 'C4 H12 N O3 1'
#
# COMPACT_ATOMS: atom_id res chain seq x y z
N PCA A 1 -15.37 1.44 -24.88
CA PCA A 1 -15.01 0.87 -23.59
CB PCA A 1 -13.49 0.71 -23.48
CG PCA A 1 -12.92 1.67 -24.49
CD PCA A 1 -14.09 1.93 -25.39
OE PCA A 1 -13.96 2.50 -26.47
C PCA A 1 -15.50 1.76 -22.46
O PCA A 1 -15.53 2.98 -22.60
N VAL A 2 -15.86 1.14 -21.34
CA VAL A 2 -16.21 1.89 -20.15
C VAL A 2 -14.96 2.60 -19.65
N GLN A 3 -15.08 3.90 -19.39
CA GLN A 3 -13.98 4.70 -18.88
C GLN A 3 -14.45 5.54 -17.70
N LEU A 4 -13.64 5.57 -16.65
CA LEU A 4 -13.91 6.36 -15.45
C LEU A 4 -12.61 7.03 -15.05
N VAL A 5 -12.61 8.36 -14.94
CA VAL A 5 -11.38 9.12 -14.66
C VAL A 5 -11.65 10.06 -13.50
N GLU A 6 -11.07 9.74 -12.33
CA GLU A 6 -11.19 10.57 -11.13
C GLU A 6 -10.08 11.60 -11.05
N SER A 7 -10.39 12.73 -10.41
CA SER A 7 -9.43 13.80 -10.18
C SER A 7 -9.85 14.55 -8.92
N GLY A 8 -8.95 15.42 -8.45
CA GLY A 8 -9.26 16.33 -7.36
C GLY A 8 -8.54 16.03 -6.06
N GLY A 9 -7.95 14.85 -5.92
CA GLY A 9 -7.20 14.56 -4.72
C GLY A 9 -5.97 15.46 -4.60
N GLY A 10 -5.57 15.69 -3.35
CA GLY A 10 -4.41 16.52 -3.08
C GLY A 10 -4.19 16.61 -1.58
N VAL A 11 -3.18 17.40 -1.22
CA VAL A 11 -2.85 17.62 0.19
C VAL A 11 -3.77 18.70 0.75
N VAL A 12 -4.39 18.41 1.88
CA VAL A 12 -5.42 19.29 2.45
C VAL A 12 -5.30 19.28 3.97
N GLN A 13 -5.58 20.44 4.58
CA GLN A 13 -5.41 20.46 6.03
C GLN A 13 -6.70 20.04 6.73
N PRO A 14 -6.59 19.49 7.94
CA PRO A 14 -7.78 19.09 8.68
C PRO A 14 -8.76 20.25 8.85
N GLY A 15 -10.03 19.95 8.66
CA GLY A 15 -11.09 20.95 8.74
C GLY A 15 -11.42 21.62 7.43
N ARG A 16 -10.52 21.57 6.45
CA ARG A 16 -10.72 22.22 5.16
C ARG A 16 -11.41 21.25 4.21
N SER A 17 -11.58 21.67 2.95
CA SER A 17 -12.43 20.96 2.01
C SER A 17 -11.70 20.65 0.70
N LEU A 18 -12.19 19.61 0.03
CA LEU A 18 -11.70 19.15 -1.25
C LEU A 18 -12.88 18.60 -2.04
N ARG A 19 -12.85 18.76 -3.37
CA ARG A 19 -13.91 18.23 -4.21
C ARG A 19 -13.33 17.29 -5.27
N LEU A 20 -13.80 16.05 -5.26
CA LEU A 20 -13.41 15.06 -6.24
C LEU A 20 -14.41 15.03 -7.39
N SER A 21 -13.89 14.80 -8.59
CA SER A 21 -14.71 14.61 -9.78
C SER A 21 -14.36 13.27 -10.41
N CYS A 22 -15.33 12.66 -11.08
CA CYS A 22 -15.11 11.43 -11.84
C CYS A 22 -15.88 11.55 -13.14
N ALA A 23 -15.16 11.63 -14.25
CA ALA A 23 -15.76 11.73 -15.58
C ALA A 23 -15.91 10.34 -16.21
N ALA A 24 -17.05 10.10 -16.86
CA ALA A 24 -17.43 8.78 -17.33
C ALA A 24 -17.74 8.80 -18.83
N SER A 25 -17.41 7.70 -19.51
CA SER A 25 -17.78 7.51 -20.91
C SER A 25 -17.93 6.01 -21.17
N GLY A 26 -18.54 5.69 -22.31
CA GLY A 26 -18.61 4.31 -22.76
C GLY A 26 -19.80 3.50 -22.26
N PHE A 27 -20.77 4.15 -21.62
CA PHE A 27 -21.99 3.48 -21.19
C PHE A 27 -23.07 4.54 -21.01
N THR A 28 -24.31 4.10 -20.87
CA THR A 28 -25.43 5.01 -20.65
C THR A 28 -25.39 5.47 -19.21
N PHE A 29 -24.88 6.69 -18.99
CA PHE A 29 -24.57 7.18 -17.66
C PHE A 29 -25.79 7.12 -16.74
N SER A 30 -26.95 7.56 -17.22
CA SER A 30 -28.15 7.65 -16.39
C SER A 30 -28.80 6.30 -16.10
N ASN A 31 -28.24 5.20 -16.60
CA ASN A 31 -28.76 3.88 -16.30
C ASN A 31 -28.13 3.25 -15.06
N HIS A 32 -27.10 3.87 -14.46
CA HIS A 32 -26.29 3.21 -13.44
C HIS A 32 -26.11 4.08 -12.20
N GLY A 33 -26.30 3.47 -11.03
CA GLY A 33 -25.83 4.09 -9.82
C GLY A 33 -24.31 4.18 -9.79
N LEU A 34 -23.80 5.09 -8.97
CA LEU A 34 -22.37 5.35 -8.90
C LEU A 34 -21.91 5.39 -7.45
N HIS A 35 -20.73 4.83 -7.19
CA HIS A 35 -20.17 4.70 -5.85
C HIS A 35 -18.83 5.40 -5.75
N TRP A 36 -18.49 5.82 -4.54
CA TRP A 36 -17.11 6.10 -4.15
C TRP A 36 -16.66 5.06 -3.13
N VAL A 37 -15.45 4.55 -3.32
CA VAL A 37 -14.84 3.57 -2.44
C VAL A 37 -13.40 4.04 -2.21
N ARG A 38 -12.92 3.93 -0.96
CA ARG A 38 -11.59 4.43 -0.65
C ARG A 38 -10.70 3.33 -0.10
N GLN A 39 -9.39 3.61 -0.10
CA GLN A 39 -8.40 2.64 0.34
C GLN A 39 -7.27 3.41 1.01
N ALA A 40 -7.21 3.34 2.34
CA ALA A 40 -6.14 4.00 3.09
C ALA A 40 -4.80 3.31 2.79
N PRO A 41 -3.69 4.02 2.97
CA PRO A 41 -2.38 3.43 2.67
C PRO A 41 -2.17 2.11 3.42
N GLY A 42 -1.85 1.06 2.67
CA GLY A 42 -1.58 -0.24 3.24
C GLY A 42 -2.78 -0.96 3.82
N LYS A 43 -4.00 -0.48 3.56
CA LYS A 43 -5.22 -1.06 4.11
C LYS A 43 -6.12 -1.54 2.96
N GLY A 44 -7.28 -2.09 3.34
CA GLY A 44 -8.22 -2.63 2.38
C GLY A 44 -9.26 -1.61 1.93
N LEU A 45 -10.22 -2.11 1.16
CA LEU A 45 -11.25 -1.27 0.56
C LEU A 45 -12.35 -0.92 1.55
N GLU A 46 -12.80 0.33 1.53
CA GLU A 46 -13.91 0.77 2.38
C GLU A 46 -14.88 1.60 1.56
N TRP A 47 -16.15 1.18 1.55
CA TRP A 47 -17.18 1.92 0.82
C TRP A 47 -17.42 3.28 1.44
N VAL A 48 -17.67 4.29 0.61
CA VAL A 48 -17.86 5.66 1.06
C VAL A 48 -19.30 6.14 0.85
N ALA A 49 -19.82 6.05 -0.37
CA ALA A 49 -21.15 6.59 -0.66
C ALA A 49 -21.64 6.06 -1.99
N VAL A 50 -22.95 6.19 -2.22
CA VAL A 50 -23.58 5.85 -3.49
C VAL A 50 -24.61 6.91 -3.84
N VAL A 51 -24.88 7.09 -5.14
CA VAL A 51 -25.92 7.98 -5.61
C VAL A 51 -26.73 7.26 -6.68
N SER A 52 -28.05 7.43 -6.64
CA SER A 52 -28.93 6.74 -7.56
C SER A 52 -28.71 7.22 -8.99
N LYS A 53 -29.20 6.43 -9.95
CA LYS A 53 -28.96 6.73 -11.36
C LYS A 53 -29.60 8.04 -11.78
N ASP A 54 -30.67 8.47 -11.10
CA ASP A 54 -31.32 9.73 -11.42
C ASP A 54 -30.88 10.88 -10.52
N GLY A 55 -29.98 10.61 -9.57
CA GLY A 55 -29.45 11.65 -8.70
C GLY A 55 -30.37 12.12 -7.59
N THR A 56 -31.50 11.45 -7.35
CA THR A 56 -32.46 11.88 -6.34
C THR A 56 -32.30 11.19 -5.00
N ASN A 57 -31.38 10.23 -4.88
CA ASN A 57 -31.25 9.41 -3.69
C ASN A 57 -29.79 9.10 -3.47
N GLU A 58 -29.35 9.07 -2.20
CA GLU A 58 -27.96 8.76 -1.89
C GLU A 58 -27.86 8.15 -0.51
N HIS A 59 -26.72 7.47 -0.26
CA HIS A 59 -26.45 6.80 1.00
C HIS A 59 -24.96 6.96 1.33
N TYR A 60 -24.64 6.86 2.62
CA TYR A 60 -23.31 7.23 3.11
C TYR A 60 -22.81 6.23 4.14
N ALA A 61 -21.49 5.99 4.13
CA ALA A 61 -20.86 5.32 5.26
C ALA A 61 -21.02 6.18 6.51
N ASP A 62 -21.27 5.52 7.65
CA ASP A 62 -21.54 6.25 8.88
C ASP A 62 -20.45 7.26 9.22
N SER A 63 -19.19 6.93 8.94
CA SER A 63 -18.09 7.77 9.39
C SER A 63 -17.89 9.02 8.55
N VAL A 64 -18.60 9.15 7.42
CA VAL A 64 -18.53 10.35 6.59
C VAL A 64 -19.84 11.12 6.55
N ARG A 65 -20.90 10.61 7.16
CA ARG A 65 -22.19 11.31 7.12
C ARG A 65 -22.06 12.67 7.81
N GLY A 66 -22.57 13.71 7.14
CA GLY A 66 -22.45 15.08 7.61
C GLY A 66 -21.14 15.74 7.23
N ARG A 67 -20.24 15.01 6.59
CA ARG A 67 -18.96 15.56 6.15
C ARG A 67 -18.79 15.51 4.65
N PHE A 68 -19.15 14.38 4.01
CA PHE A 68 -19.03 14.20 2.58
C PHE A 68 -20.42 14.26 1.94
N THR A 69 -20.51 14.85 0.75
CA THR A 69 -21.74 14.87 -0.03
C THR A 69 -21.47 14.31 -1.42
N ILE A 70 -22.23 13.29 -1.82
CA ILE A 70 -22.11 12.70 -3.15
C ILE A 70 -23.19 13.31 -4.05
N SER A 71 -22.84 13.55 -5.31
CA SER A 71 -23.78 14.13 -6.27
C SER A 71 -23.37 13.71 -7.67
N ARG A 72 -24.27 13.90 -8.62
CA ARG A 72 -23.95 13.64 -10.02
C ARG A 72 -24.65 14.67 -10.90
N ASP A 73 -24.07 14.88 -12.07
CA ASP A 73 -24.65 15.72 -13.11
C ASP A 73 -24.78 14.83 -14.33
N ASN A 74 -26.01 14.36 -14.59
CA ASN A 74 -26.22 13.48 -15.74
C ASN A 74 -26.05 14.22 -17.06
N SER A 75 -26.15 15.56 -17.05
CA SER A 75 -25.91 16.33 -18.26
C SER A 75 -24.44 16.37 -18.65
N LYS A 76 -23.53 16.06 -17.71
CA LYS A 76 -22.10 16.11 -17.94
C LYS A 76 -21.41 14.76 -17.72
N ASN A 77 -22.17 13.70 -17.46
CA ASN A 77 -21.60 12.37 -17.18
C ASN A 77 -20.51 12.44 -16.12
N THR A 78 -20.77 13.22 -15.06
CA THR A 78 -19.78 13.47 -14.02
C THR A 78 -20.36 13.15 -12.64
N LEU A 79 -19.54 12.50 -11.82
CA LEU A 79 -19.83 12.19 -10.43
C LEU A 79 -18.94 13.03 -9.52
N TYR A 80 -19.49 13.51 -8.41
CA TYR A 80 -18.75 14.37 -7.49
C TYR A 80 -18.73 13.80 -6.09
N LEU A 81 -17.68 14.13 -5.34
CA LEU A 81 -17.66 13.93 -3.89
C LEU A 81 -17.14 15.21 -3.25
N GLN A 82 -18.04 15.97 -2.63
CA GLN A 82 -17.64 17.16 -1.86
C GLN A 82 -17.21 16.72 -0.48
N MET A 83 -15.93 16.94 -0.14
CA MET A 83 -15.35 16.44 1.11
C MET A 83 -15.09 17.61 2.04
N ASN A 84 -15.91 17.72 3.08
CA ASN A 84 -15.79 18.77 4.08
C ASN A 84 -15.31 18.19 5.41
N SER A 85 -14.89 19.07 6.31
CA SER A 85 -14.48 18.71 7.67
C SER A 85 -13.53 17.52 7.65
N LEU A 86 -12.50 17.62 6.82
CA LEU A 86 -11.62 16.48 6.60
C LEU A 86 -10.81 16.16 7.85
N ARG A 87 -10.50 14.88 8.03
CA ARG A 87 -9.70 14.39 9.15
C ARG A 87 -8.56 13.52 8.62
N ALA A 88 -7.54 13.34 9.46
CA ALA A 88 -6.37 12.55 9.04
C ALA A 88 -6.77 11.15 8.59
N GLU A 89 -7.77 10.55 9.23
CA GLU A 89 -8.24 9.21 8.88
C GLU A 89 -8.90 9.14 7.51
N ASP A 90 -9.17 10.29 6.87
CA ASP A 90 -9.71 10.29 5.52
C ASP A 90 -8.63 10.11 4.46
N THR A 91 -7.35 10.09 4.86
CA THR A 91 -6.26 9.90 3.93
C THR A 91 -6.39 8.54 3.25
N ALA A 92 -6.51 8.54 1.92
CA ALA A 92 -6.78 7.33 1.15
C ALA A 92 -6.78 7.68 -0.33
N VAL A 93 -6.64 6.64 -1.15
CA VAL A 93 -6.99 6.72 -2.57
C VAL A 93 -8.49 6.53 -2.70
N TYR A 94 -9.16 7.45 -3.39
CA TYR A 94 -10.60 7.39 -3.59
C TYR A 94 -10.88 6.94 -5.02
N TYR A 95 -11.63 5.84 -5.16
CA TYR A 95 -12.03 5.27 -6.43
C TYR A 95 -13.48 5.65 -6.74
N CYS A 96 -13.75 6.01 -7.98
CA CYS A 96 -15.14 6.02 -8.41
C CYS A 96 -15.46 4.73 -9.15
N ALA A 97 -16.67 4.22 -8.95
CA ALA A 97 -17.05 2.91 -9.45
C ALA A 97 -18.51 2.95 -9.87
N ARG A 98 -18.80 2.49 -11.08
CA ARG A 98 -20.20 2.31 -11.40
C ARG A 98 -20.65 0.95 -10.89
N GLU A 99 -21.96 0.82 -10.68
CA GLU A 99 -22.55 -0.47 -10.34
C GLU A 99 -23.38 -0.98 -11.51
N GLY A 100 -23.64 -2.28 -11.51
CA GLY A 100 -24.40 -2.88 -12.58
C GLY A 100 -25.83 -2.38 -12.64
N TYR A 101 -26.37 -2.40 -13.86
CA TYR A 101 -27.77 -2.05 -14.10
C TYR A 101 -28.69 -3.02 -13.37
N CYS A 102 -29.78 -2.48 -12.79
CA CYS A 102 -30.77 -3.31 -12.11
C CYS A 102 -32.17 -3.23 -12.71
N GLY A 103 -32.45 -2.27 -13.56
CA GLY A 103 -33.76 -2.21 -14.20
C GLY A 103 -34.19 -0.78 -14.40
N ASP A 104 -35.45 -0.62 -14.79
CA ASP A 104 -36.02 0.67 -15.12
C ASP A 104 -36.58 1.42 -13.92
N ASP A 105 -36.80 0.74 -12.79
CA ASP A 105 -37.41 1.36 -11.63
C ASP A 105 -36.35 1.97 -10.72
N ARG A 106 -36.80 2.50 -9.58
CA ARG A 106 -35.92 3.15 -8.62
C ARG A 106 -35.19 2.08 -7.81
N CYS A 107 -34.09 1.59 -8.38
CA CYS A 107 -33.38 0.45 -7.84
C CYS A 107 -31.89 0.74 -7.78
N TYR A 108 -31.22 0.03 -6.86
CA TYR A 108 -29.78 -0.16 -6.86
C TYR A 108 -29.46 -1.63 -7.02
N SER A 109 -28.34 -1.93 -7.67
CA SER A 109 -27.82 -3.29 -7.64
C SER A 109 -26.90 -3.54 -6.45
N GLY A 110 -26.13 -2.53 -6.04
CA GLY A 110 -25.10 -2.75 -5.04
C GLY A 110 -23.94 -3.57 -5.53
N GLN A 111 -23.76 -3.68 -6.85
CA GLN A 111 -22.68 -4.47 -7.44
C GLN A 111 -21.77 -3.59 -8.27
N PRO A 112 -20.72 -3.02 -7.67
CA PRO A 112 -19.72 -2.31 -8.48
C PRO A 112 -19.15 -3.24 -9.54
N ASP A 113 -19.04 -2.74 -10.78
CA ASP A 113 -18.49 -3.57 -11.85
C ASP A 113 -17.39 -2.93 -12.68
N TYR A 114 -17.21 -1.61 -12.62
CA TYR A 114 -16.07 -0.95 -13.25
C TYR A 114 -15.56 0.14 -12.34
N TRP A 115 -14.24 0.23 -12.20
CA TRP A 115 -13.59 1.17 -11.29
C TRP A 115 -12.63 2.06 -12.06
N GLY A 116 -12.51 3.32 -11.60
CA GLY A 116 -11.51 4.24 -12.12
C GLY A 116 -10.14 3.93 -11.55
N GLN A 117 -9.21 4.86 -11.79
CA GLN A 117 -7.83 4.65 -11.40
C GLN A 117 -7.51 5.16 -9.99
N GLY A 118 -8.41 5.91 -9.38
CA GLY A 118 -8.19 6.39 -8.02
C GLY A 118 -7.48 7.74 -7.99
N THR A 119 -7.84 8.55 -6.99
CA THR A 119 -7.19 9.83 -6.77
C THR A 119 -6.85 9.94 -5.29
N LEU A 120 -5.63 10.36 -4.99
CA LEU A 120 -5.10 10.30 -3.62
C LEU A 120 -5.42 11.58 -2.86
N VAL A 121 -6.04 11.41 -1.69
CA VAL A 121 -6.32 12.50 -0.76
C VAL A 121 -5.43 12.30 0.46
N THR A 122 -4.64 13.32 0.80
CA THR A 122 -3.75 13.31 1.97
C THR A 122 -4.17 14.43 2.90
N VAL A 123 -4.68 14.08 4.08
CA VAL A 123 -5.11 15.06 5.08
C VAL A 123 -4.04 15.17 6.14
N SER A 124 -3.45 16.36 6.28
CA SER A 124 -2.39 16.54 7.26
C SER A 124 -2.26 18.02 7.61
N SER A 125 -1.82 18.27 8.85
CA SER A 125 -1.50 19.61 9.31
C SER A 125 -0.13 20.09 8.87
N ALA A 126 0.67 19.22 8.25
CA ALA A 126 2.05 19.54 7.94
C ALA A 126 2.14 20.59 6.84
N SER A 127 3.27 21.31 6.83
CA SER A 127 3.64 22.27 5.80
C SER A 127 4.71 21.67 4.90
N THR A 128 4.80 22.20 3.68
CA THR A 128 5.82 21.76 2.73
C THR A 128 7.21 21.87 3.35
N LYS A 129 8.00 20.81 3.20
CA LYS A 129 9.36 20.81 3.72
C LYS A 129 10.22 19.88 2.86
N GLY A 130 11.38 20.39 2.44
CA GLY A 130 12.30 19.61 1.66
C GLY A 130 13.12 18.67 2.54
N PRO A 131 13.54 17.55 1.98
CA PRO A 131 14.28 16.56 2.77
C PRO A 131 15.73 16.96 2.98
N SER A 132 16.29 16.43 4.06
CA SER A 132 17.74 16.32 4.18
C SER A 132 18.15 14.96 3.64
N VAL A 133 19.30 14.91 2.97
CA VAL A 133 19.81 13.67 2.40
C VAL A 133 21.11 13.33 3.11
N PHE A 134 21.16 12.16 3.75
CA PHE A 134 22.34 11.74 4.48
C PHE A 134 22.89 10.45 3.88
N PRO A 135 24.21 10.30 3.83
CA PRO A 135 24.78 9.06 3.28
C PRO A 135 24.59 7.89 4.23
N LEU A 136 24.39 6.72 3.65
CA LEU A 136 24.52 5.45 4.35
C LEU A 136 25.81 4.83 3.80
N ALA A 137 26.92 5.15 4.45
CA ALA A 137 28.24 4.84 3.91
C ALA A 137 28.57 3.36 4.06
N PRO A 138 29.18 2.76 3.04
CA PRO A 138 29.65 1.37 3.18
C PRO A 138 30.85 1.31 4.11
N SER A 139 30.95 0.21 4.85
CA SER A 139 31.96 0.10 5.90
C SER A 139 32.13 -1.37 6.26
N SER A 140 32.93 -1.62 7.30
CA SER A 140 33.10 -2.97 7.82
C SER A 140 31.77 -3.60 8.23
N LYS A 141 30.84 -2.80 8.76
CA LYS A 141 29.58 -3.32 9.27
C LYS A 141 28.50 -3.42 8.22
N SER A 142 28.79 -3.03 6.98
CA SER A 142 27.88 -3.19 5.86
C SER A 142 28.56 -3.95 4.72
N THR A 143 29.39 -4.92 5.07
CA THR A 143 30.09 -5.76 4.10
C THR A 143 29.91 -7.22 4.50
N SER A 144 29.56 -8.05 3.52
CA SER A 144 29.31 -9.46 3.78
C SER A 144 29.78 -10.27 2.57
N GLY A 145 30.86 -11.04 2.77
CA GLY A 145 31.38 -11.96 1.77
C GLY A 145 31.51 -11.41 0.36
N GLY A 146 32.15 -10.24 0.23
CA GLY A 146 32.32 -9.64 -1.07
C GLY A 146 31.24 -8.69 -1.52
N THR A 147 30.16 -8.57 -0.75
CA THR A 147 29.07 -7.65 -1.07
C THR A 147 29.04 -6.53 -0.04
N ALA A 148 28.99 -5.29 -0.51
CA ALA A 148 28.84 -4.12 0.33
C ALA A 148 27.48 -3.47 0.08
N ALA A 149 26.90 -2.90 1.13
CA ALA A 149 25.67 -2.14 1.02
C ALA A 149 25.95 -0.68 1.30
N LEU A 150 25.29 0.19 0.54
CA LEU A 150 25.38 1.63 0.75
C LEU A 150 24.04 2.24 0.38
N GLY A 151 23.85 3.50 0.72
CA GLY A 151 22.58 4.11 0.38
C GLY A 151 22.48 5.55 0.80
N CYS A 152 21.25 6.06 0.75
CA CYS A 152 20.92 7.43 1.12
C CYS A 152 19.67 7.42 1.98
N LEU A 153 19.75 8.13 3.10
CA LEU A 153 18.60 8.35 3.98
C LEU A 153 18.00 9.71 3.64
N VAL A 154 16.74 9.69 3.19
CA VAL A 154 16.04 10.90 2.75
C VAL A 154 15.03 11.23 3.84
N LYS A 155 15.36 12.18 4.70
CA LYS A 155 14.69 12.34 5.99
C LYS A 155 13.96 13.68 6.09
N ASP A 156 12.76 13.63 6.69
CA ASP A 156 12.01 14.80 7.14
C ASP A 156 11.50 15.68 5.99
N TYR A 157 10.67 15.12 5.11
CA TYR A 157 10.08 15.87 4.03
C TYR A 157 8.55 15.76 4.07
N PHE A 158 7.90 16.71 3.40
CA PHE A 158 6.46 16.69 3.23
C PHE A 158 6.10 17.55 2.04
N PRO A 159 5.13 17.16 1.19
CA PRO A 159 4.44 15.87 1.22
C PRO A 159 5.14 14.82 0.38
N GLU A 160 4.53 13.65 0.27
CA GLU A 160 4.95 12.70 -0.74
C GLU A 160 4.69 13.28 -2.12
N PRO A 161 5.43 12.83 -3.16
CA PRO A 161 6.50 11.83 -3.15
C PRO A 161 7.88 12.43 -3.35
N VAL A 162 8.91 11.59 -3.17
CA VAL A 162 10.26 11.89 -3.62
C VAL A 162 10.67 10.83 -4.61
N THR A 163 11.52 11.20 -5.55
CA THR A 163 12.15 10.24 -6.46
C THR A 163 13.61 10.05 -6.05
N VAL A 164 14.07 8.81 -6.15
CA VAL A 164 15.47 8.47 -5.92
C VAL A 164 15.95 7.61 -7.08
N SER A 165 17.02 8.03 -7.71
CA SER A 165 17.73 7.21 -8.69
C SER A 165 19.17 7.06 -8.25
N TRP A 166 19.90 6.18 -8.93
CA TRP A 166 21.32 5.99 -8.65
C TRP A 166 22.10 6.19 -9.94
N ASN A 167 23.13 7.02 -9.89
CA ASN A 167 23.96 7.34 -11.04
C ASN A 167 23.10 7.76 -12.24
N SER A 168 22.17 8.69 -11.97
CA SER A 168 21.29 9.29 -12.97
C SER A 168 20.41 8.24 -13.67
N GLY A 169 20.08 7.16 -12.97
CA GLY A 169 19.21 6.14 -13.51
C GLY A 169 19.92 5.01 -14.23
N ALA A 170 21.24 5.09 -14.41
CA ALA A 170 21.96 4.03 -15.10
C ALA A 170 22.09 2.78 -14.25
N LEU A 171 22.04 2.91 -12.93
CA LEU A 171 22.20 1.78 -12.02
C LEU A 171 20.87 1.49 -11.35
N THR A 172 20.25 0.38 -11.74
CA THR A 172 19.06 -0.12 -11.05
C THR A 172 19.25 -1.53 -10.48
N SER A 173 20.22 -2.29 -10.97
CA SER A 173 20.48 -3.61 -10.43
C SER A 173 20.92 -3.51 -8.97
N GLY A 174 20.24 -4.25 -8.10
CA GLY A 174 20.57 -4.24 -6.69
C GLY A 174 20.00 -3.08 -5.89
N VAL A 175 19.24 -2.19 -6.51
CA VAL A 175 18.70 -1.02 -5.82
C VAL A 175 17.38 -1.39 -5.15
N HIS A 176 17.22 -0.98 -3.89
CA HIS A 176 15.94 -1.04 -3.19
C HIS A 176 15.63 0.33 -2.63
N THR A 177 14.55 0.94 -3.11
CA THR A 177 14.05 2.20 -2.56
C THR A 177 12.80 1.88 -1.75
N PHE A 178 12.90 2.04 -0.43
CA PHE A 178 11.86 1.56 0.46
C PHE A 178 10.67 2.52 0.48
N PRO A 179 9.48 2.00 0.75
CA PRO A 179 8.33 2.89 0.99
C PRO A 179 8.62 3.85 2.12
N ALA A 180 8.17 5.09 1.96
CA ALA A 180 8.35 6.08 3.01
C ALA A 180 7.53 5.71 4.25
N VAL A 181 8.05 6.10 5.41
CA VAL A 181 7.33 5.95 6.67
C VAL A 181 6.94 7.34 7.16
N LEU A 182 5.74 7.45 7.71
CA LEU A 182 5.26 8.70 8.29
C LEU A 182 5.69 8.74 9.75
N GLN A 183 6.49 9.74 10.11
CA GLN A 183 6.96 9.88 11.48
C GLN A 183 5.94 10.64 12.32
N SER A 184 6.12 10.57 13.64
CA SER A 184 5.23 11.27 14.54
C SER A 184 5.28 12.78 14.35
N SER A 185 6.36 13.28 13.73
CA SER A 185 6.44 14.69 13.37
C SER A 185 5.43 15.09 12.31
N GLY A 186 4.85 14.13 11.59
CA GLY A 186 4.09 14.45 10.41
C GLY A 186 4.91 14.52 9.14
N LEU A 187 6.22 14.37 9.23
CA LEU A 187 7.12 14.35 8.09
C LEU A 187 7.44 12.90 7.71
N TYR A 188 7.77 12.71 6.43
CA TYR A 188 8.12 11.39 5.93
C TYR A 188 9.63 11.21 5.93
N SER A 189 10.04 9.94 5.90
CA SER A 189 11.44 9.58 5.78
C SER A 189 11.54 8.26 5.03
N LEU A 190 12.54 8.12 4.16
CA LEU A 190 12.76 6.85 3.50
C LEU A 190 14.25 6.64 3.25
N SER A 191 14.58 5.39 2.97
CA SER A 191 15.94 4.97 2.64
C SER A 191 15.94 4.35 1.25
N SER A 192 17.00 4.61 0.49
CA SER A 192 17.27 3.91 -0.75
C SER A 192 18.66 3.31 -0.63
N VAL A 193 18.76 2.00 -0.90
CA VAL A 193 20.02 1.27 -0.72
C VAL A 193 20.35 0.55 -2.01
N VAL A 194 21.62 0.20 -2.16
CA VAL A 194 22.07 -0.65 -3.26
C VAL A 194 23.19 -1.54 -2.73
N THR A 195 23.21 -2.79 -3.21
CA THR A 195 24.31 -3.69 -2.91
C THR A 195 25.22 -3.79 -4.13
N VAL A 196 26.52 -3.75 -3.88
CA VAL A 196 27.54 -3.69 -4.93
C VAL A 196 28.70 -4.58 -4.49
N PRO A 197 29.63 -4.95 -5.38
CA PRO A 197 30.82 -5.68 -4.94
C PRO A 197 31.66 -4.82 -4.01
N SER A 198 32.17 -5.43 -2.94
CA SER A 198 33.04 -4.68 -2.04
C SER A 198 34.30 -4.23 -2.77
N SER A 199 34.71 -4.95 -3.81
CA SER A 199 35.85 -4.59 -4.64
C SER A 199 35.63 -3.33 -5.47
N SER A 200 34.41 -2.77 -5.46
CA SER A 200 34.08 -1.64 -6.32
C SER A 200 34.02 -0.32 -5.58
N LEU A 201 34.24 -0.30 -4.26
CA LEU A 201 34.08 0.94 -3.51
C LEU A 201 35.13 1.97 -3.89
N GLY A 202 36.28 1.55 -4.41
CA GLY A 202 37.32 2.47 -4.80
C GLY A 202 37.38 2.72 -6.30
N THR A 203 36.73 1.84 -7.07
CA THR A 203 36.79 1.88 -8.52
C THR A 203 35.52 2.42 -9.17
N GLN A 204 34.45 2.60 -8.40
CA GLN A 204 33.17 3.05 -8.92
C GLN A 204 32.61 4.15 -8.04
N THR A 205 31.92 5.09 -8.65
CA THR A 205 31.25 6.17 -7.93
C THR A 205 29.76 5.89 -7.86
N TYR A 206 29.18 6.11 -6.67
CA TYR A 206 27.76 5.90 -6.44
C TYR A 206 27.15 7.19 -5.92
N ILE A 207 26.21 7.73 -6.69
CA ILE A 207 25.57 9.00 -6.38
C ILE A 207 24.07 8.75 -6.37
N CYS A 208 23.41 9.12 -5.30
CA CYS A 208 21.96 9.05 -5.28
C CYS A 208 21.40 10.42 -5.68
N ASN A 209 20.43 10.39 -6.58
CA ASN A 209 19.81 11.60 -7.12
C ASN A 209 18.42 11.68 -6.51
N VAL A 210 18.22 12.63 -5.60
CA VAL A 210 17.00 12.77 -4.82
C VAL A 210 16.26 14.00 -5.31
N ASN A 211 14.98 13.84 -5.64
CA ASN A 211 14.17 14.93 -6.16
C ASN A 211 12.87 15.01 -5.37
N HIS A 212 12.58 16.20 -4.84
CA HIS A 212 11.32 16.48 -4.13
C HIS A 212 10.71 17.71 -4.78
N LYS A 213 9.81 17.50 -5.74
CA LYS A 213 9.26 18.64 -6.47
C LYS A 213 8.51 19.64 -5.61
N PRO A 214 7.70 19.26 -4.61
CA PRO A 214 6.96 20.29 -3.85
C PRO A 214 7.84 21.35 -3.21
N SER A 215 9.08 21.00 -2.86
CA SER A 215 10.04 21.94 -2.29
C SER A 215 11.10 22.39 -3.28
N ASN A 216 11.00 21.96 -4.54
CA ASN A 216 12.04 22.22 -5.55
C ASN A 216 13.41 21.77 -5.06
N THR A 217 13.46 20.68 -4.30
CA THR A 217 14.71 20.14 -3.79
C THR A 217 15.26 19.12 -4.79
N LYS A 218 16.51 19.32 -5.26
CA LYS A 218 17.23 18.37 -6.11
C LYS A 218 18.62 18.20 -5.54
N VAL A 219 18.92 17.01 -5.04
CA VAL A 219 20.17 16.72 -4.36
C VAL A 219 20.85 15.55 -5.07
N ASP A 220 22.14 15.68 -5.34
CA ASP A 220 22.97 14.59 -5.81
C ASP A 220 24.07 14.34 -4.79
N LYS A 221 23.99 13.22 -4.08
CA LYS A 221 24.90 12.91 -2.99
C LYS A 221 25.80 11.75 -3.38
N LYS A 222 27.11 12.02 -3.43
CA LYS A 222 28.07 10.94 -3.60
C LYS A 222 28.27 10.24 -2.27
N VAL A 223 28.13 8.92 -2.28
CA VAL A 223 28.25 8.10 -1.07
C VAL A 223 29.61 7.42 -1.10
N GLU A 224 30.48 7.81 -0.16
CA GLU A 224 31.88 7.53 0.11
C GLU A 224 32.03 6.52 1.25
N PRO A 225 32.91 5.52 1.09
CA PRO A 225 33.26 4.56 2.14
C PRO A 225 33.75 5.23 3.43
N GLU B 1 -24.15 -3.48 10.47
CA GLU B 1 -23.45 -3.84 9.24
C GLU B 1 -23.13 -5.33 9.25
N ILE B 2 -22.91 -5.88 8.07
CA ILE B 2 -22.48 -7.27 7.90
C ILE B 2 -20.96 -7.26 7.71
N VAL B 3 -20.25 -7.86 8.66
CA VAL B 3 -18.79 -7.87 8.63
C VAL B 3 -18.31 -9.13 7.92
N LEU B 4 -17.36 -8.97 7.01
CA LEU B 4 -16.79 -10.08 6.24
C LEU B 4 -15.37 -10.37 6.73
N THR B 5 -15.10 -11.64 7.03
CA THR B 5 -13.81 -12.08 7.53
C THR B 5 -13.15 -12.98 6.49
N GLN B 6 -12.00 -12.54 5.97
CA GLN B 6 -11.27 -13.31 4.97
C GLN B 6 -10.09 -14.03 5.61
N SER B 7 -9.81 -15.22 5.09
CA SER B 7 -8.69 -16.02 5.56
C SER B 7 -8.19 -16.88 4.41
N PRO B 8 -6.89 -17.21 4.39
CA PRO B 8 -5.90 -16.68 5.32
C PRO B 8 -5.47 -15.30 4.87
N ALA B 9 -4.75 -14.56 5.73
CA ALA B 9 -4.28 -13.24 5.33
C ALA B 9 -3.35 -13.35 4.12
N THR B 10 -2.47 -14.35 4.12
CA THR B 10 -1.54 -14.59 3.02
C THR B 10 -1.60 -16.05 2.62
N LEU B 11 -1.68 -16.31 1.32
CA LEU B 11 -1.52 -17.63 0.73
C LEU B 11 -0.22 -17.63 -0.07
N SER B 12 0.71 -18.51 0.29
CA SER B 12 2.00 -18.61 -0.38
C SER B 12 2.00 -19.88 -1.22
N LEU B 13 2.00 -19.74 -2.53
CA LEU B 13 1.84 -20.86 -3.43
C LEU B 13 2.72 -20.69 -4.66
N SER B 14 2.91 -21.79 -5.40
CA SER B 14 3.69 -21.72 -6.63
C SER B 14 2.79 -21.75 -7.85
N PRO B 15 3.25 -21.19 -8.98
CA PRO B 15 2.47 -21.27 -10.22
C PRO B 15 2.09 -22.71 -10.53
N GLY B 16 0.86 -22.89 -11.01
CA GLY B 16 0.33 -24.21 -11.30
C GLY B 16 -0.40 -24.87 -10.16
N GLU B 17 -0.31 -24.34 -8.94
CA GLU B 17 -1.00 -24.90 -7.79
C GLU B 17 -2.39 -24.29 -7.65
N ARG B 18 -3.25 -24.98 -6.91
CA ARG B 18 -4.58 -24.49 -6.64
C ARG B 18 -4.58 -23.55 -5.44
N ALA B 19 -5.30 -22.45 -5.55
CA ALA B 19 -5.51 -21.52 -4.45
C ALA B 19 -6.98 -21.57 -4.04
N THR B 20 -7.23 -21.64 -2.73
CA THR B 20 -8.59 -21.60 -2.18
C THR B 20 -8.63 -20.55 -1.08
N LEU B 21 -9.51 -19.56 -1.25
CA LEU B 21 -9.60 -18.39 -0.39
C LEU B 21 -10.97 -18.37 0.29
N SER B 22 -11.00 -18.05 1.57
CA SER B 22 -12.23 -18.11 2.34
C SER B 22 -12.77 -16.72 2.66
N CYS B 23 -14.09 -16.55 2.57
CA CYS B 23 -14.76 -15.33 2.99
C CYS B 23 -15.98 -15.75 3.81
N ARG B 24 -16.05 -15.30 5.06
CA ARG B 24 -17.15 -15.61 5.95
C ARG B 24 -17.87 -14.31 6.37
N ALA B 25 -19.16 -14.42 6.58
CA ALA B 25 -20.00 -13.27 6.91
C ALA B 25 -20.55 -13.39 8.33
N SER B 26 -20.74 -12.23 8.98
CA SER B 26 -21.24 -12.21 10.34
C SER B 26 -22.71 -12.61 10.43
N GLN B 27 -23.44 -12.54 9.31
CA GLN B 27 -24.79 -13.08 9.21
C GLN B 27 -25.05 -13.39 7.74
N SER B 28 -26.14 -14.11 7.47
CA SER B 28 -26.36 -14.63 6.12
C SER B 28 -26.51 -13.49 5.11
N VAL B 29 -25.80 -13.62 3.99
CA VAL B 29 -25.95 -12.72 2.85
C VAL B 29 -26.61 -13.43 1.66
N GLY B 30 -27.25 -14.56 1.91
CA GLY B 30 -27.79 -15.35 0.81
C GLY B 30 -26.67 -15.75 -0.13
N ARG B 31 -26.85 -15.47 -1.42
CA ARG B 31 -25.77 -15.66 -2.39
C ARG B 31 -25.22 -14.34 -2.92
N TYR B 32 -25.52 -13.22 -2.27
CA TYR B 32 -25.12 -11.89 -2.77
C TYR B 32 -23.70 -11.56 -2.30
N LEU B 33 -22.73 -12.26 -2.88
CA LEU B 33 -21.34 -12.08 -2.51
C LEU B 33 -20.48 -12.06 -3.76
N ALA B 34 -19.58 -11.07 -3.84
CA ALA B 34 -18.73 -10.84 -4.99
C ALA B 34 -17.25 -10.91 -4.59
N TRP B 35 -16.39 -11.13 -5.59
CA TRP B 35 -14.94 -11.17 -5.41
C TRP B 35 -14.26 -10.22 -6.38
N TYR B 36 -13.24 -9.52 -5.91
CA TYR B 36 -12.41 -8.63 -6.74
C TYR B 36 -10.95 -9.05 -6.68
N GLN B 37 -10.22 -8.73 -7.75
CA GLN B 37 -8.76 -8.85 -7.80
C GLN B 37 -8.15 -7.46 -7.87
N GLN B 38 -7.05 -7.26 -7.14
CA GLN B 38 -6.36 -5.97 -7.17
C GLN B 38 -4.86 -6.17 -7.16
N LYS B 39 -4.20 -5.58 -8.13
CA LYS B 39 -2.75 -5.58 -8.20
C LYS B 39 -2.20 -4.24 -7.72
N PRO B 40 -0.94 -4.18 -7.30
CA PRO B 40 -0.42 -2.94 -6.73
C PRO B 40 -0.46 -1.80 -7.74
N GLY B 41 -0.90 -0.64 -7.28
CA GLY B 41 -1.05 0.53 -8.13
C GLY B 41 -2.30 0.53 -8.98
N GLN B 42 -3.07 -0.56 -9.00
CA GLN B 42 -4.20 -0.71 -9.90
C GLN B 42 -5.52 -0.74 -9.13
N ALA B 43 -6.59 -0.50 -9.86
CA ALA B 43 -7.93 -0.55 -9.30
C ALA B 43 -8.42 -1.99 -9.18
N PRO B 44 -9.37 -2.24 -8.29
CA PRO B 44 -9.99 -3.56 -8.24
C PRO B 44 -10.67 -3.92 -9.55
N ARG B 45 -10.72 -5.23 -9.82
CA ARG B 45 -11.39 -5.78 -10.99
C ARG B 45 -12.39 -6.83 -10.53
N LEU B 46 -13.63 -6.72 -11.01
CA LEU B 46 -14.66 -7.68 -10.61
C LEU B 46 -14.41 -9.03 -11.26
N LEU B 47 -14.43 -10.09 -10.44
CA LEU B 47 -14.25 -11.45 -10.90
C LEU B 47 -15.53 -12.27 -10.85
N ILE B 48 -16.23 -12.20 -9.72
CA ILE B 48 -17.36 -13.07 -9.42
C ILE B 48 -18.44 -12.23 -8.75
N TYR B 49 -19.70 -12.49 -9.12
CA TYR B 49 -20.82 -11.93 -8.39
C TYR B 49 -21.86 -13.03 -8.15
N ASP B 50 -22.75 -12.76 -7.20
CA ASP B 50 -23.80 -13.72 -6.85
C ASP B 50 -23.20 -15.09 -6.53
N SER B 51 -22.09 -15.05 -5.79
CA SER B 51 -21.36 -16.21 -5.27
C SER B 51 -20.61 -16.99 -6.32
N SER B 52 -21.23 -17.27 -7.48
CA SER B 52 -20.62 -18.17 -8.46
C SER B 52 -20.65 -17.69 -9.91
N ASN B 53 -21.19 -16.51 -10.21
CA ASN B 53 -21.25 -16.05 -11.59
C ASN B 53 -19.97 -15.31 -11.96
N ARG B 54 -19.36 -15.72 -13.07
CA ARG B 54 -18.14 -15.06 -13.55
C ARG B 54 -18.50 -13.79 -14.32
N ALA B 55 -17.74 -12.73 -14.08
CA ALA B 55 -17.93 -11.47 -14.79
C ALA B 55 -17.22 -11.52 -16.15
N THR B 56 -17.38 -10.46 -16.93
CA THR B 56 -16.85 -10.40 -18.29
C THR B 56 -15.34 -10.60 -18.29
N GLY B 57 -14.87 -11.46 -19.21
CA GLY B 57 -13.45 -11.65 -19.43
C GLY B 57 -12.71 -12.40 -18.34
N VAL B 58 -13.42 -12.99 -17.38
CA VAL B 58 -12.79 -13.72 -16.29
C VAL B 58 -12.58 -15.16 -16.74
N PRO B 59 -11.34 -15.68 -16.71
CA PRO B 59 -11.09 -17.03 -17.21
C PRO B 59 -11.73 -18.10 -16.33
N ALA B 60 -11.86 -19.30 -16.91
CA ALA B 60 -12.55 -20.39 -16.25
C ALA B 60 -11.85 -20.88 -14.99
N ARG B 61 -10.55 -20.66 -14.85
CA ARG B 61 -9.85 -21.15 -13.67
C ARG B 61 -10.30 -20.49 -12.38
N PHE B 62 -10.99 -19.35 -12.45
CA PHE B 62 -11.57 -18.73 -11.27
C PHE B 62 -12.99 -19.26 -11.07
N SER B 63 -13.28 -19.74 -9.85
CA SER B 63 -14.61 -20.24 -9.53
C SER B 63 -15.00 -19.80 -8.13
N GLY B 64 -16.25 -19.37 -7.98
CA GLY B 64 -16.77 -18.94 -6.69
C GLY B 64 -17.83 -19.92 -6.18
N SER B 65 -17.93 -20.05 -4.86
CA SER B 65 -18.90 -20.94 -4.25
C SER B 65 -19.37 -20.39 -2.91
N GLY B 66 -20.53 -20.87 -2.47
CA GLY B 66 -21.00 -20.68 -1.11
C GLY B 66 -22.35 -19.98 -1.05
N SER B 67 -22.89 -19.95 0.17
CA SER B 67 -24.12 -19.25 0.48
C SER B 67 -24.21 -19.05 1.98
N GLY B 68 -25.07 -18.12 2.39
CA GLY B 68 -25.25 -17.85 3.81
C GLY B 68 -24.08 -17.07 4.38
N THR B 69 -23.21 -17.74 5.15
CA THR B 69 -22.07 -17.10 5.78
C THR B 69 -20.72 -17.73 5.37
N ASP B 70 -20.69 -18.62 4.38
CA ASP B 70 -19.49 -19.39 4.06
C ASP B 70 -19.28 -19.40 2.55
N PHE B 71 -18.19 -18.77 2.10
CA PHE B 71 -17.90 -18.60 0.67
C PHE B 71 -16.43 -18.87 0.38
N THR B 72 -16.14 -19.32 -0.85
CA THR B 72 -14.75 -19.51 -1.27
C THR B 72 -14.55 -19.00 -2.69
N LEU B 73 -13.33 -18.52 -2.96
CA LEU B 73 -12.86 -18.30 -4.31
C LEU B 73 -11.75 -19.32 -4.58
N THR B 74 -11.86 -20.04 -5.69
CA THR B 74 -10.88 -21.05 -6.05
C THR B 74 -10.21 -20.64 -7.36
N ILE B 75 -8.88 -20.72 -7.39
CA ILE B 75 -8.10 -20.59 -8.61
C ILE B 75 -7.49 -21.96 -8.88
N SER B 76 -7.99 -22.65 -9.91
CA SER B 76 -7.70 -24.07 -10.07
C SER B 76 -6.21 -24.31 -10.32
N SER B 77 -5.56 -23.43 -11.07
CA SER B 77 -4.15 -23.55 -11.38
C SER B 77 -3.59 -22.14 -11.56
N LEU B 78 -2.77 -21.70 -10.62
CA LEU B 78 -2.31 -20.31 -10.59
C LEU B 78 -1.43 -20.01 -11.80
N GLU B 79 -1.73 -18.91 -12.49
CA GLU B 79 -0.88 -18.33 -13.51
C GLU B 79 -0.08 -17.17 -12.90
N PRO B 80 1.03 -16.78 -13.53
CA PRO B 80 1.83 -15.68 -12.95
C PRO B 80 1.04 -14.41 -12.70
N GLU B 81 0.08 -14.09 -13.55
CA GLU B 81 -0.72 -12.87 -13.40
C GLU B 81 -1.75 -12.98 -12.29
N ASP B 82 -1.89 -14.14 -11.65
CA ASP B 82 -2.90 -14.34 -10.62
C ASP B 82 -2.42 -13.92 -9.23
N PHE B 83 -1.13 -13.71 -9.04
CA PHE B 83 -0.60 -13.31 -7.74
C PHE B 83 -0.95 -11.85 -7.49
N ALA B 84 -1.85 -11.62 -6.53
CA ALA B 84 -2.49 -10.32 -6.29
C ALA B 84 -3.21 -10.41 -4.96
N VAL B 85 -3.93 -9.36 -4.61
CA VAL B 85 -4.80 -9.34 -3.44
C VAL B 85 -6.24 -9.54 -3.91
N TYR B 86 -7.03 -10.30 -3.13
CA TYR B 86 -8.42 -10.59 -3.46
C TYR B 86 -9.31 -10.16 -2.31
N TYR B 87 -10.44 -9.52 -2.66
CA TYR B 87 -11.41 -9.01 -1.71
C TYR B 87 -12.79 -9.59 -2.00
N CYS B 88 -13.53 -9.92 -0.94
CA CYS B 88 -14.95 -10.23 -1.11
C CYS B 88 -15.80 -9.04 -0.66
N GLN B 89 -17.06 -9.04 -1.12
CA GLN B 89 -17.95 -7.90 -0.90
C GLN B 89 -19.40 -8.38 -0.96
N GLN B 90 -20.23 -7.97 0.00
CA GLN B 90 -21.62 -8.41 0.03
C GLN B 90 -22.56 -7.28 -0.37
N ARG B 91 -23.71 -7.64 -0.94
CA ARG B 91 -24.72 -6.66 -1.31
C ARG B 91 -26.12 -7.09 -0.86
N SER B 92 -26.19 -7.96 0.14
CA SER B 92 -27.48 -8.44 0.63
C SER B 92 -28.13 -7.42 1.55
N HIS B 93 -27.35 -6.81 2.44
CA HIS B 93 -27.84 -5.93 3.49
C HIS B 93 -26.96 -4.67 3.50
N TRP B 94 -27.45 -3.58 2.94
CA TRP B 94 -26.65 -2.36 2.83
C TRP B 94 -27.60 -1.17 2.66
N PRO B 95 -27.13 0.05 2.98
CA PRO B 95 -25.79 0.46 3.39
C PRO B 95 -25.45 0.08 4.84
N PRO B 96 -24.14 -0.08 5.15
CA PRO B 96 -23.04 0.09 4.19
C PRO B 96 -22.78 -1.15 3.33
N LEU B 97 -22.30 -0.91 2.10
CA LEU B 97 -21.67 -1.97 1.35
C LEU B 97 -20.37 -2.34 2.06
N THR B 98 -20.14 -3.63 2.32
CA THR B 98 -18.98 -4.02 3.11
C THR B 98 -18.06 -4.97 2.36
N PHE B 99 -16.77 -4.87 2.68
CA PHE B 99 -15.70 -5.64 2.07
C PHE B 99 -14.97 -6.44 3.13
N GLY B 100 -14.50 -7.63 2.76
CA GLY B 100 -13.54 -8.32 3.60
C GLY B 100 -12.20 -7.59 3.62
N GLY B 101 -11.33 -8.04 4.52
CA GLY B 101 -10.03 -7.43 4.71
C GLY B 101 -8.96 -7.80 3.70
N GLY B 102 -9.24 -8.75 2.83
CA GLY B 102 -8.33 -9.07 1.75
C GLY B 102 -7.44 -10.26 2.06
N THR B 103 -7.15 -11.05 1.02
CA THR B 103 -6.17 -12.13 1.07
C THR B 103 -5.13 -11.89 -0.02
N LYS B 104 -3.86 -11.90 0.37
CA LYS B 104 -2.76 -11.77 -0.58
C LYS B 104 -2.33 -13.16 -1.03
N VAL B 105 -2.35 -13.40 -2.33
CA VAL B 105 -1.79 -14.62 -2.91
C VAL B 105 -0.39 -14.25 -3.39
N GLU B 106 0.64 -14.80 -2.75
CA GLU B 106 2.01 -14.43 -3.07
C GLU B 106 2.80 -15.65 -3.56
N ILE B 107 3.91 -15.37 -4.23
CA ILE B 107 4.74 -16.40 -4.83
C ILE B 107 5.56 -17.09 -3.75
N LYS B 108 5.47 -18.42 -3.70
CA LYS B 108 6.32 -19.21 -2.83
C LYS B 108 7.65 -19.48 -3.52
N ARG B 109 8.73 -19.38 -2.76
CA ARG B 109 10.06 -19.77 -3.23
C ARG B 109 10.78 -20.42 -2.07
N THR B 110 11.98 -20.95 -2.34
CA THR B 110 12.77 -21.55 -1.29
C THR B 110 13.14 -20.50 -0.23
N VAL B 111 13.30 -20.97 1.00
CA VAL B 111 13.72 -20.11 2.09
C VAL B 111 15.06 -19.47 1.76
N ALA B 112 15.17 -18.16 2.03
CA ALA B 112 16.39 -17.39 1.81
C ALA B 112 16.65 -16.53 3.03
N ALA B 113 17.80 -16.70 3.66
CA ALA B 113 18.15 -15.90 4.82
C ALA B 113 18.53 -14.49 4.39
N PRO B 114 18.22 -13.48 5.20
CA PRO B 114 18.63 -12.11 4.86
C PRO B 114 20.11 -11.91 5.06
N SER B 115 20.68 -11.06 4.19
CA SER B 115 21.95 -10.41 4.49
C SER B 115 21.66 -9.17 5.34
N VAL B 116 22.40 -9.00 6.42
CA VAL B 116 22.14 -7.95 7.40
C VAL B 116 23.29 -6.95 7.39
N PHE B 117 22.93 -5.67 7.31
CA PHE B 117 23.89 -4.57 7.30
C PHE B 117 23.43 -3.49 8.27
N ILE B 118 24.36 -2.87 8.99
CA ILE B 118 24.03 -1.80 9.92
C ILE B 118 24.79 -0.55 9.53
N PHE B 119 24.14 0.61 9.68
CA PHE B 119 24.71 1.90 9.31
C PHE B 119 24.64 2.86 10.50
N PRO B 120 25.76 3.29 11.05
CA PRO B 120 25.72 4.34 12.08
C PRO B 120 25.21 5.65 11.48
N PRO B 121 24.78 6.58 12.31
CA PRO B 121 24.38 7.89 11.80
C PRO B 121 25.55 8.63 11.15
N SER B 122 25.23 9.44 10.14
CA SER B 122 26.24 10.24 9.48
C SER B 122 26.69 11.38 10.39
N ASP B 123 27.95 11.81 10.20
CA ASP B 123 28.45 12.96 10.95
C ASP B 123 27.62 14.20 10.67
N GLU B 124 27.17 14.36 9.42
CA GLU B 124 26.37 15.53 9.07
C GLU B 124 25.03 15.53 9.79
N GLN B 125 24.37 14.37 9.88
CA GLN B 125 23.10 14.34 10.61
C GLN B 125 23.33 14.62 12.09
N LEU B 126 24.39 14.04 12.68
CA LEU B 126 24.66 14.27 14.09
C LEU B 126 24.86 15.75 14.39
N LYS B 127 25.43 16.52 13.45
CA LYS B 127 25.57 17.95 13.66
C LYS B 127 24.22 18.64 13.77
N SER B 128 23.20 18.12 13.08
CA SER B 128 21.87 18.73 13.09
C SER B 128 21.08 18.40 14.36
N GLY B 129 21.56 17.49 15.20
CA GLY B 129 20.93 17.21 16.47
C GLY B 129 20.18 15.90 16.55
N THR B 130 20.19 15.08 15.49
CA THR B 130 19.45 13.83 15.46
C THR B 130 20.39 12.69 15.07
N ALA B 131 20.02 11.48 15.48
CA ALA B 131 20.77 10.28 15.14
C ALA B 131 19.80 9.22 14.63
N SER B 132 19.96 8.82 13.38
CA SER B 132 19.24 7.71 12.81
C SER B 132 20.20 6.56 12.55
N VAL B 133 19.92 5.40 13.15
CA VAL B 133 20.68 4.18 12.93
C VAL B 133 19.83 3.27 12.07
N VAL B 134 20.39 2.76 10.98
CA VAL B 134 19.64 1.99 9.99
C VAL B 134 20.15 0.56 9.97
N CYS B 135 19.22 -0.39 10.02
CA CYS B 135 19.54 -1.80 9.85
C CYS B 135 18.83 -2.32 8.61
N LEU B 136 19.58 -2.93 7.71
CA LEU B 136 19.07 -3.40 6.43
C LEU B 136 19.06 -4.92 6.39
N LEU B 137 17.91 -5.49 6.06
CA LEU B 137 17.74 -6.93 5.84
C LEU B 137 17.45 -7.12 4.36
N ASN B 138 18.36 -7.79 3.66
CA ASN B 138 18.32 -7.81 2.19
C ASN B 138 17.99 -9.19 1.64
N ASN B 139 16.99 -9.23 0.75
CA ASN B 139 16.72 -10.36 -0.14
C ASN B 139 16.42 -11.66 0.63
N PHE B 140 15.34 -11.64 1.40
CA PHE B 140 15.00 -12.79 2.22
C PHE B 140 13.60 -13.31 1.88
N TYR B 141 13.36 -14.58 2.26
CA TYR B 141 12.07 -15.22 2.11
C TYR B 141 11.92 -16.34 3.14
N PRO B 142 10.77 -16.47 3.82
CA PRO B 142 9.53 -15.70 3.67
C PRO B 142 9.56 -14.30 4.30
N ARG B 143 8.44 -13.60 4.20
CA ARG B 143 8.38 -12.19 4.61
C ARG B 143 8.58 -12.00 6.11
N GLU B 144 8.21 -12.99 6.91
CA GLU B 144 8.24 -12.81 8.36
C GLU B 144 9.68 -12.70 8.86
N ALA B 145 9.97 -11.62 9.58
CA ALA B 145 11.27 -11.40 10.17
C ALA B 145 11.10 -10.49 11.37
N LYS B 146 11.95 -10.68 12.37
CA LYS B 146 11.93 -9.87 13.59
C LYS B 146 13.24 -9.12 13.70
N VAL B 147 13.14 -7.80 13.85
CA VAL B 147 14.29 -6.92 14.08
C VAL B 147 14.17 -6.38 15.50
N GLN B 148 15.21 -6.58 16.30
CA GLN B 148 15.27 -6.06 17.66
C GLN B 148 16.50 -5.17 17.78
N TRP B 149 16.28 -3.93 18.24
CA TRP B 149 17.37 -3.01 18.51
C TRP B 149 17.81 -3.14 19.96
N LYS B 150 19.11 -3.22 20.19
CA LYS B 150 19.69 -3.27 21.53
C LYS B 150 20.73 -2.17 21.66
N VAL B 151 20.66 -1.42 22.76
CA VAL B 151 21.57 -0.31 23.01
C VAL B 151 22.23 -0.59 24.35
N ASP B 152 23.54 -0.87 24.32
CA ASP B 152 24.26 -1.38 25.49
C ASP B 152 23.48 -2.51 26.15
N ASN B 153 22.95 -3.41 25.33
CA ASN B 153 22.23 -4.63 25.67
C ASN B 153 20.79 -4.36 26.11
N ALA B 154 20.35 -3.11 26.16
CA ALA B 154 18.98 -2.80 26.56
C ALA B 154 18.07 -2.88 25.34
N LEU B 155 17.01 -3.68 25.43
CA LEU B 155 16.12 -3.86 24.29
C LEU B 155 15.25 -2.63 24.12
N GLN B 156 15.24 -2.10 22.89
CA GLN B 156 14.55 -0.86 22.58
C GLN B 156 13.09 -1.13 22.20
N SER B 157 12.23 -0.18 22.56
CA SER B 157 10.82 -0.26 22.21
C SER B 157 10.29 1.14 21.94
N GLY B 158 9.53 1.28 20.84
CA GLY B 158 8.82 2.51 20.56
C GLY B 158 9.59 3.58 19.82
N ASN B 159 10.88 3.36 19.53
CA ASN B 159 11.71 4.38 18.89
C ASN B 159 12.29 3.90 17.56
N SER B 160 11.63 2.95 16.91
CA SER B 160 12.05 2.49 15.60
C SER B 160 10.82 2.34 14.70
N GLN B 161 11.06 2.45 13.40
CA GLN B 161 10.04 2.21 12.38
C GLN B 161 10.68 1.39 11.28
N GLU B 162 9.88 0.54 10.63
CA GLU B 162 10.42 -0.27 9.55
C GLU B 162 9.56 -0.16 8.30
N SER B 163 10.17 -0.57 7.19
CA SER B 163 9.60 -0.50 5.85
C SER B 163 10.02 -1.76 5.10
N VAL B 164 9.13 -2.28 4.26
CA VAL B 164 9.40 -3.51 3.50
C VAL B 164 9.06 -3.29 2.04
N THR B 165 9.91 -3.82 1.15
CA THR B 165 9.63 -3.73 -0.27
C THR B 165 8.58 -4.74 -0.69
N GLU B 166 7.99 -4.48 -1.86
CA GLU B 166 7.16 -5.49 -2.50
C GLU B 166 8.04 -6.64 -3.00
N GLN B 167 7.42 -7.81 -3.13
CA GLN B 167 8.14 -8.99 -3.56
C GLN B 167 8.85 -8.74 -4.89
N ASP B 168 10.15 -9.02 -4.91
CA ASP B 168 10.96 -8.73 -6.09
C ASP B 168 10.47 -9.52 -7.29
N SER B 169 10.37 -8.85 -8.44
CA SER B 169 9.73 -9.46 -9.59
C SER B 169 10.55 -10.58 -10.21
N LYS B 170 11.83 -10.71 -9.88
CA LYS B 170 12.65 -11.73 -10.51
C LYS B 170 13.24 -12.77 -9.55
N ASP B 171 13.45 -12.44 -8.27
CA ASP B 171 13.91 -13.46 -7.32
C ASP B 171 12.91 -13.74 -6.20
N SER B 172 11.77 -13.05 -6.17
CA SER B 172 10.67 -13.32 -5.25
C SER B 172 11.02 -13.10 -3.79
N THR B 173 12.07 -12.33 -3.50
CA THR B 173 12.46 -12.04 -2.13
C THR B 173 11.95 -10.68 -1.68
N TYR B 174 12.06 -10.44 -0.38
CA TYR B 174 11.76 -9.17 0.27
C TYR B 174 13.03 -8.55 0.83
N SER B 175 13.00 -7.24 1.01
CA SER B 175 14.02 -6.53 1.77
C SER B 175 13.33 -5.62 2.77
N LEU B 176 14.02 -5.35 3.87
CA LEU B 176 13.43 -4.64 5.00
C LEU B 176 14.44 -3.65 5.55
N SER B 177 13.94 -2.45 5.89
CA SER B 177 14.75 -1.40 6.50
C SER B 177 14.15 -1.06 7.85
N SER B 178 14.98 -1.04 8.89
CA SER B 178 14.55 -0.61 10.23
C SER B 178 15.42 0.55 10.68
N THR B 179 14.77 1.63 11.10
CA THR B 179 15.48 2.85 11.50
C THR B 179 15.22 3.14 12.99
N LEU B 180 16.28 3.16 13.78
CA LEU B 180 16.23 3.60 15.16
C LEU B 180 16.56 5.09 15.21
N THR B 181 15.68 5.89 15.81
CA THR B 181 15.86 7.33 15.84
C THR B 181 16.01 7.81 17.28
N LEU B 182 17.11 8.52 17.55
CA LEU B 182 17.40 9.10 18.85
C LEU B 182 17.82 10.55 18.68
N SER B 183 17.66 11.34 19.73
CA SER B 183 18.31 12.64 19.74
C SER B 183 19.81 12.45 19.80
N LYS B 184 20.55 13.45 19.32
CA LYS B 184 22.01 13.40 19.44
C LYS B 184 22.44 13.25 20.89
N ALA B 185 21.76 13.96 21.80
CA ALA B 185 22.09 13.89 23.22
C ALA B 185 21.88 12.48 23.76
N ASP B 186 20.77 11.84 23.41
CA ASP B 186 20.52 10.49 23.88
C ASP B 186 21.47 9.49 23.23
N TYR B 187 21.77 9.68 21.94
CA TYR B 187 22.64 8.76 21.23
C TYR B 187 24.05 8.73 21.82
N GLU B 188 24.53 9.88 22.29
CA GLU B 188 25.89 9.93 22.83
C GLU B 188 25.97 9.46 24.28
N LYS B 189 24.87 9.00 24.87
CA LYS B 189 24.90 8.46 26.22
C LYS B 189 25.22 6.97 26.26
N HIS B 190 25.34 6.33 25.10
CA HIS B 190 25.51 4.89 25.01
C HIS B 190 26.62 4.56 24.02
N LYS B 191 27.13 3.33 24.11
CA LYS B 191 28.30 2.90 23.34
C LYS B 191 27.97 1.92 22.23
N VAL B 192 27.32 0.80 22.54
CA VAL B 192 27.15 -0.29 21.58
C VAL B 192 25.73 -0.26 21.04
N TYR B 193 25.61 -0.16 19.72
CA TYR B 193 24.33 -0.20 19.02
C TYR B 193 24.26 -1.48 18.20
N ALA B 194 23.21 -2.28 18.42
CA ALA B 194 23.12 -3.59 17.81
C ALA B 194 21.75 -3.81 17.18
N CYS B 195 21.76 -4.45 16.01
CA CYS B 195 20.55 -4.91 15.33
C CYS B 195 20.55 -6.44 15.36
N GLU B 196 19.53 -7.02 15.99
CA GLU B 196 19.43 -8.47 16.14
C GLU B 196 18.28 -8.98 15.28
N VAL B 197 18.60 -9.87 14.34
CA VAL B 197 17.65 -10.31 13.31
C VAL B 197 17.31 -11.77 13.51
N THR B 198 16.01 -12.09 13.55
CA THR B 198 15.52 -13.45 13.66
C THR B 198 14.76 -13.79 12.39
N HIS B 199 15.16 -14.87 11.71
CA HIS B 199 14.51 -15.28 10.48
C HIS B 199 14.68 -16.78 10.31
N GLN B 200 13.66 -17.41 9.70
CA GLN B 200 13.61 -18.85 9.49
C GLN B 200 14.84 -19.37 8.74
N GLY B 201 15.42 -18.57 7.85
CA GLY B 201 16.56 -19.01 7.09
C GLY B 201 17.88 -19.00 7.85
N LEU B 202 17.91 -18.42 9.03
CA LEU B 202 19.10 -18.41 9.86
C LEU B 202 19.01 -19.54 10.89
N SER B 203 20.13 -20.24 11.10
CA SER B 203 20.16 -21.25 12.15
C SER B 203 20.04 -20.62 13.53
N SER B 204 20.55 -19.41 13.70
CA SER B 204 20.45 -18.63 14.94
C SER B 204 20.31 -17.17 14.56
N PRO B 205 19.72 -16.35 15.44
CA PRO B 205 19.62 -14.92 15.13
C PRO B 205 20.98 -14.29 14.91
N VAL B 206 21.02 -13.33 13.99
CA VAL B 206 22.25 -12.65 13.60
C VAL B 206 22.27 -11.27 14.24
N THR B 207 23.43 -10.88 14.76
CA THR B 207 23.63 -9.55 15.34
C THR B 207 24.66 -8.78 14.52
N LYS B 208 24.31 -7.57 14.12
CA LYS B 208 25.26 -6.61 13.60
C LYS B 208 25.35 -5.45 14.57
N SER B 209 26.57 -5.00 14.87
CA SER B 209 26.73 -4.01 15.93
C SER B 209 27.94 -3.14 15.63
N PHE B 210 28.01 -2.00 16.31
CA PHE B 210 29.17 -1.13 16.23
C PHE B 210 29.34 -0.37 17.53
N ASN B 211 30.56 0.09 17.76
CA ASN B 211 30.87 1.01 18.85
C ASN B 211 30.70 2.44 18.36
N ARG B 212 29.91 3.22 19.10
CA ARG B 212 29.67 4.61 18.70
C ARG B 212 30.98 5.37 18.58
N GLY B 213 31.11 6.15 17.52
CA GLY B 213 32.30 6.94 17.29
C GLY B 213 33.49 6.16 16.79
N GLU B 214 33.31 4.93 16.32
CA GLU B 214 34.41 4.13 15.82
C GLU B 214 34.45 4.13 14.30
N ASN C 4 -23.99 -5.95 -24.47
CA ASN C 4 -25.18 -5.51 -23.76
C ASN C 4 -25.01 -5.72 -22.26
N GLU C 5 -25.73 -4.93 -21.47
CA GLU C 5 -25.51 -4.86 -20.04
C GLU C 5 -26.17 -6.02 -19.30
N THR C 6 -25.43 -6.61 -18.37
CA THR C 6 -26.01 -7.61 -17.46
C THR C 6 -27.06 -6.95 -16.60
N ILE C 7 -28.16 -7.66 -16.34
CA ILE C 7 -29.22 -7.16 -15.46
C ILE C 7 -29.02 -7.85 -14.11
N TYR C 8 -28.63 -7.06 -13.11
CA TYR C 8 -28.38 -7.53 -11.76
C TYR C 8 -29.64 -7.40 -10.92
N ASN C 9 -29.81 -8.32 -9.97
CA ASN C 9 -30.96 -8.25 -9.07
C ASN C 9 -30.92 -6.95 -8.27
N THR C 10 -32.11 -6.41 -7.99
CA THR C 10 -32.22 -5.25 -7.12
C THR C 10 -31.99 -5.66 -5.66
N THR C 11 -31.11 -4.94 -4.96
CA THR C 11 -30.89 -5.19 -3.54
C THR C 11 -31.22 -4.01 -2.65
N LEU C 12 -31.54 -2.85 -3.21
CA LEU C 12 -31.95 -1.68 -2.44
C LEU C 12 -32.84 -0.84 -3.34
N LYS C 13 -33.95 -0.35 -2.78
CA LYS C 13 -34.86 0.50 -3.53
C LYS C 13 -35.04 1.84 -2.82
N TYR C 14 -35.57 2.81 -3.55
CA TYR C 14 -35.89 4.11 -2.98
C TYR C 14 -37.21 4.61 -3.57
N GLY C 15 -37.81 5.55 -2.86
CA GLY C 15 -39.08 6.11 -3.27
C GLY C 15 -39.46 7.37 -2.53
C TRS D . -15.76 -0.23 12.73
C1 TRS D . -14.36 -0.15 12.12
C2 TRS D . -15.85 -1.44 13.66
C3 TRS D . -16.80 -0.35 11.64
N TRS D . -15.98 0.98 13.53
O1 TRS D . -13.89 -1.46 11.84
O2 TRS D . -17.11 -1.49 14.29
O3 TRS D . -16.59 -1.57 10.94
C1 PEG E . -3.20 -9.44 2.95
O1 PEG E . -2.07 -9.16 3.73
C2 PEG E . -4.33 -8.46 3.27
O2 PEG E . -3.88 -7.16 3.06
C3 PEG E . -4.89 -6.25 2.74
C4 PEG E . -4.47 -5.47 1.50
O4 PEG E . -3.64 -4.40 1.87
#